data_4RF2
#
_entry.id   4RF2
#
_cell.length_a   164.130
_cell.length_b   164.130
_cell.length_c   85.420
_cell.angle_alpha   90.000
_cell.angle_beta   90.000
_cell.angle_gamma   90.000
#
_symmetry.space_group_name_H-M   'P 4 21 2'
#
loop_
_entity.id
_entity.type
_entity.pdbx_description
1 polymer 'NADPH dependent R-specific alcohol dehydrogenase'
2 non-polymer 'NADP NICOTINAMIDE-ADENINE-DINUCLEOTIDE PHOSPHATE'
3 non-polymer 'MAGNESIUM ION'
4 water water
#
_entity_poly.entity_id   1
_entity_poly.type   'polypeptide(L)'
_entity_poly.pdbx_seq_one_letter_code
;HHHHHHHHGGLVPRGSHGGSMTDRLKGKVAIVTGGTLGIGLAIADKFVEEGAKVVITGRHADVGEKAAKSIGGTDVIRFV
QHDASDEAGWTKLFDTTEEAFGPVTTVVNNAGIAVSKSVEDTTTEEWRKLLSVNLDGVFFGTRLGIQRMKNKGLGASIIN
MSSIEGFVGDPTLGAYNASKGAVRIMSKSAALDCALKDYDVRVNTVHPGYIKTPLVDDLEGAEEMMSQRTKTPMGHIGEP
NDIAWICVYLASDESKFATGAEFVVDGGYTAQ
;
_entity_poly.pdbx_strand_id   A,B
#
loop_
_chem_comp.id
_chem_comp.type
_chem_comp.name
_chem_comp.formula
MG non-polymer 'MAGNESIUM ION' 'Mg 2'
NAP non-polymer 'NADP NICOTINAMIDE-ADENINE-DINUCLEOTIDE PHOSPHATE' 'C21 H28 N7 O17 P3'
#
# COMPACT_ATOMS: atom_id res chain seq x y z
N ASP A 23 -10.31 -16.27 -5.08
CA ASP A 23 -10.56 -16.05 -3.67
C ASP A 23 -10.67 -14.56 -3.34
N ARG A 24 -9.53 -13.86 -3.31
CA ARG A 24 -9.50 -12.47 -2.85
C ARG A 24 -10.16 -11.49 -3.83
N LEU A 25 -10.32 -11.91 -5.08
CA LEU A 25 -10.94 -11.06 -6.09
C LEU A 25 -12.18 -11.71 -6.68
N LYS A 26 -12.96 -12.36 -5.82
CA LYS A 26 -14.16 -13.07 -6.24
C LYS A 26 -15.18 -12.15 -6.92
N GLY A 27 -15.62 -12.53 -8.12
CA GLY A 27 -16.61 -11.77 -8.85
C GLY A 27 -16.10 -10.53 -9.55
N LYS A 28 -14.80 -10.25 -9.41
CA LYS A 28 -14.21 -9.10 -10.06
C LYS A 28 -13.98 -9.35 -11.55
N VAL A 29 -14.14 -8.31 -12.36
CA VAL A 29 -13.88 -8.39 -13.79
C VAL A 29 -12.93 -7.25 -14.16
N ALA A 30 -11.72 -7.60 -14.58
CA ALA A 30 -10.67 -6.60 -14.71
C ALA A 30 -10.18 -6.42 -16.15
N ILE A 31 -9.94 -5.17 -16.51
CA ILE A 31 -9.21 -4.84 -17.72
C ILE A 31 -7.79 -4.43 -17.33
N VAL A 32 -6.80 -5.14 -17.88
CA VAL A 32 -5.41 -4.81 -17.63
C VAL A 32 -4.72 -4.44 -18.94
N THR A 33 -4.47 -3.15 -19.12
CA THR A 33 -3.83 -2.69 -20.35
C THR A 33 -2.35 -3.03 -20.31
N GLY A 34 -1.81 -3.44 -21.45
CA GLY A 34 -0.43 -3.88 -21.51
C GLY A 34 -0.18 -5.08 -20.62
N GLY A 35 -1.08 -6.04 -20.69
CA GLY A 35 -1.03 -7.20 -19.81
C GLY A 35 -0.37 -8.41 -20.44
N THR A 36 0.39 -8.19 -21.50
CA THR A 36 0.97 -9.30 -22.25
C THR A 36 2.44 -9.54 -21.89
N LEU A 37 3.05 -8.58 -21.22
CA LEU A 37 4.44 -8.70 -20.79
C LEU A 37 4.68 -8.03 -19.44
N GLY A 38 5.80 -8.38 -18.82
CA GLY A 38 6.29 -7.68 -17.64
C GLY A 38 5.31 -7.58 -16.48
N ILE A 39 5.16 -6.35 -15.97
CA ILE A 39 4.31 -6.08 -14.82
C ILE A 39 2.84 -6.39 -15.10
N GLY A 40 2.37 -6.00 -16.28
CA GLY A 40 0.98 -6.19 -16.66
C GLY A 40 0.61 -7.66 -16.73
N LEU A 41 1.55 -8.49 -17.20
CA LEU A 41 1.35 -9.93 -17.28
C LEU A 41 1.17 -10.55 -15.90
N ALA A 42 2.01 -10.14 -14.95
CA ALA A 42 1.96 -10.67 -13.59
C ALA A 42 0.69 -10.25 -12.87
N ILE A 43 0.27 -9.01 -13.09
CA ILE A 43 -0.99 -8.51 -12.54
C ILE A 43 -2.14 -9.39 -13.00
N ALA A 44 -2.20 -9.65 -14.31
CA ALA A 44 -3.22 -10.51 -14.88
C ALA A 44 -3.12 -11.93 -14.30
N ASP A 45 -1.90 -12.44 -14.20
CA ASP A 45 -1.65 -13.76 -13.65
C ASP A 45 -2.21 -13.90 -12.25
N LYS A 46 -1.87 -12.97 -11.37
CA LYS A 46 -2.32 -13.05 -9.98
C LYS A 46 -3.80 -12.70 -9.83
N PHE A 47 -4.31 -11.83 -10.70
CA PHE A 47 -5.73 -11.50 -10.70
C PHE A 47 -6.58 -12.74 -10.97
N VAL A 48 -6.19 -13.51 -11.99
CA VAL A 48 -6.89 -14.74 -12.32
C VAL A 48 -6.78 -15.74 -11.17
N GLU A 49 -5.59 -15.84 -10.59
CA GLU A 49 -5.34 -16.71 -9.45
C GLU A 49 -6.25 -16.40 -8.27
N GLU A 50 -6.61 -15.12 -8.11
CA GLU A 50 -7.44 -14.72 -6.98
C GLU A 50 -8.93 -14.67 -7.32
N GLY A 51 -9.31 -15.25 -8.47
CA GLY A 51 -10.71 -15.42 -8.81
C GLY A 51 -11.30 -14.43 -9.80
N ALA A 52 -10.51 -13.45 -10.23
CA ALA A 52 -11.02 -12.43 -11.13
C ALA A 52 -11.08 -12.91 -12.57
N LYS A 53 -11.97 -12.31 -13.35
CA LYS A 53 -11.97 -12.50 -14.79
C LYS A 53 -11.16 -11.35 -15.40
N VAL A 54 -10.31 -11.65 -16.37
CA VAL A 54 -9.36 -10.66 -16.86
C VAL A 54 -9.31 -10.56 -18.38
N VAL A 55 -9.34 -9.33 -18.89
CA VAL A 55 -9.00 -9.08 -20.28
C VAL A 55 -7.68 -8.31 -20.34
N ILE A 56 -6.70 -8.87 -21.03
CA ILE A 56 -5.42 -8.19 -21.21
C ILE A 56 -5.36 -7.57 -22.59
N THR A 57 -4.71 -6.42 -22.70
CA THR A 57 -4.52 -5.80 -24.01
C THR A 57 -3.05 -5.66 -24.36
N GLY A 58 -2.80 -5.42 -25.64
CA GLY A 58 -1.47 -5.21 -26.17
C GLY A 58 -1.63 -4.93 -27.65
N ARG A 59 -0.57 -4.46 -28.29
CA ARG A 59 -0.65 -4.11 -29.71
C ARG A 59 -0.30 -5.31 -30.58
N HIS A 60 0.50 -6.22 -30.05
CA HIS A 60 0.94 -7.39 -30.80
C HIS A 60 0.09 -8.60 -30.46
N ALA A 61 -0.58 -9.14 -31.49
CA ALA A 61 -1.56 -10.21 -31.30
C ALA A 61 -0.90 -11.55 -30.97
N ASP A 62 0.23 -11.83 -31.62
CA ASP A 62 0.92 -13.10 -31.42
C ASP A 62 1.41 -13.22 -29.98
N VAL A 63 2.06 -12.18 -29.49
CA VAL A 63 2.52 -12.12 -28.10
C VAL A 63 1.33 -12.15 -27.16
N GLY A 64 0.29 -11.41 -27.51
CA GLY A 64 -0.90 -11.27 -26.68
C GLY A 64 -1.66 -12.57 -26.47
N GLU A 65 -1.90 -13.29 -27.56
CA GLU A 65 -2.66 -14.53 -27.49
C GLU A 65 -1.88 -15.57 -26.69
N LYS A 66 -0.57 -15.63 -26.92
CA LYS A 66 0.32 -16.52 -26.16
C LYS A 66 0.32 -16.17 -24.68
N ALA A 67 0.32 -14.88 -24.38
CA ALA A 67 0.31 -14.40 -23.00
C ALA A 67 -0.94 -14.86 -22.25
N ALA A 68 -2.10 -14.66 -22.88
CA ALA A 68 -3.37 -15.03 -22.26
C ALA A 68 -3.44 -16.52 -21.97
N LYS A 69 -3.07 -17.33 -22.95
CA LYS A 69 -3.13 -18.79 -22.80
C LYS A 69 -2.16 -19.30 -21.74
N SER A 70 -1.10 -18.52 -21.47
CA SER A 70 -0.10 -18.91 -20.49
C SER A 70 -0.64 -18.79 -19.07
N ILE A 71 -1.71 -18.03 -18.90
CA ILE A 71 -2.30 -17.81 -17.58
C ILE A 71 -3.52 -18.71 -17.36
N GLY A 72 -4.37 -18.82 -18.37
CA GLY A 72 -5.55 -19.68 -18.27
C GLY A 72 -6.37 -19.74 -19.54
N GLY A 73 -7.53 -20.38 -19.45
CA GLY A 73 -8.43 -20.51 -20.58
C GLY A 73 -9.33 -19.28 -20.73
N THR A 74 -10.14 -19.28 -21.79
CA THR A 74 -10.98 -18.14 -22.10
C THR A 74 -12.16 -17.98 -21.14
N ASP A 75 -12.27 -18.89 -20.19
CA ASP A 75 -13.30 -18.77 -19.16
C ASP A 75 -12.87 -17.79 -18.06
N VAL A 76 -11.57 -17.50 -17.99
CA VAL A 76 -11.06 -16.59 -16.96
C VAL A 76 -10.24 -15.44 -17.54
N ILE A 77 -9.64 -15.66 -18.71
CA ILE A 77 -8.79 -14.62 -19.30
C ILE A 77 -8.83 -14.63 -20.83
N ARG A 78 -8.91 -13.44 -21.42
CA ARG A 78 -8.90 -13.27 -22.86
C ARG A 78 -8.01 -12.11 -23.27
N PHE A 79 -7.37 -12.23 -24.44
CA PHE A 79 -6.59 -11.15 -25.00
C PHE A 79 -7.40 -10.32 -25.99
N VAL A 80 -7.32 -9.00 -25.87
CA VAL A 80 -7.91 -8.10 -26.85
C VAL A 80 -6.85 -7.16 -27.40
N GLN A 81 -6.64 -7.19 -28.71
CA GLN A 81 -5.69 -6.29 -29.34
C GLN A 81 -6.20 -4.86 -29.27
N HIS A 82 -5.44 -3.99 -28.59
CA HIS A 82 -5.85 -2.62 -28.40
C HIS A 82 -4.71 -1.71 -27.95
N ASP A 83 -4.52 -0.61 -28.68
CA ASP A 83 -3.59 0.42 -28.28
C ASP A 83 -4.28 1.35 -27.28
N ALA A 84 -3.66 1.54 -26.12
CA ALA A 84 -4.25 2.35 -25.06
C ALA A 84 -4.49 3.80 -25.50
N SER A 85 -3.76 4.25 -26.51
CA SER A 85 -3.91 5.62 -26.99
C SER A 85 -5.00 5.71 -28.07
N ASP A 86 -5.62 4.57 -28.38
CA ASP A 86 -6.72 4.53 -29.33
C ASP A 86 -8.04 4.77 -28.59
N GLU A 87 -8.55 6.00 -28.70
CA GLU A 87 -9.69 6.43 -27.90
C GLU A 87 -10.98 5.66 -28.22
N ALA A 88 -11.31 5.58 -29.51
CA ALA A 88 -12.50 4.87 -29.94
C ALA A 88 -12.44 3.40 -29.53
N GLY A 89 -11.24 2.83 -29.59
CA GLY A 89 -11.03 1.43 -29.24
C GLY A 89 -11.33 1.10 -27.79
N TRP A 90 -11.27 2.11 -26.92
CA TRP A 90 -11.53 1.91 -25.51
C TRP A 90 -12.97 1.48 -25.26
N THR A 91 -13.89 2.10 -25.99
CA THR A 91 -15.31 1.80 -25.86
C THR A 91 -15.60 0.36 -26.29
N LYS A 92 -14.99 -0.07 -27.38
CA LYS A 92 -15.15 -1.44 -27.87
C LYS A 92 -14.53 -2.44 -26.91
N LEU A 93 -13.44 -2.05 -26.26
CA LEU A 93 -12.76 -2.89 -25.29
C LEU A 93 -13.66 -3.21 -24.10
N PHE A 94 -14.30 -2.18 -23.57
CA PHE A 94 -15.25 -2.34 -22.47
C PHE A 94 -16.43 -3.22 -22.88
N ASP A 95 -16.95 -2.98 -24.09
CA ASP A 95 -18.05 -3.76 -24.63
C ASP A 95 -17.69 -5.24 -24.78
N THR A 96 -16.47 -5.49 -25.25
CA THR A 96 -15.99 -6.86 -25.46
C THR A 96 -15.82 -7.59 -24.13
N THR A 97 -15.18 -6.92 -23.18
CA THR A 97 -14.94 -7.48 -21.85
C THR A 97 -16.26 -7.80 -21.14
N GLU A 98 -17.20 -6.87 -21.22
CA GLU A 98 -18.48 -7.01 -20.55
C GLU A 98 -19.31 -8.14 -21.16
N GLU A 99 -19.25 -8.27 -22.48
CA GLU A 99 -19.96 -9.35 -23.17
C GLU A 99 -19.43 -10.71 -22.72
N ALA A 100 -18.11 -10.78 -22.52
CA ALA A 100 -17.45 -12.03 -22.16
C ALA A 100 -17.63 -12.41 -20.69
N PHE A 101 -17.51 -11.44 -19.80
CA PHE A 101 -17.41 -11.73 -18.37
C PHE A 101 -18.43 -10.99 -17.51
N GLY A 102 -19.21 -10.10 -18.13
CA GLY A 102 -20.12 -9.25 -17.38
C GLY A 102 -19.47 -7.92 -17.05
N PRO A 103 -20.23 -7.02 -16.39
CA PRO A 103 -19.82 -5.66 -16.07
C PRO A 103 -18.41 -5.55 -15.48
N VAL A 104 -17.60 -4.68 -16.07
CA VAL A 104 -16.23 -4.44 -15.61
C VAL A 104 -16.24 -3.81 -14.22
N THR A 105 -15.38 -4.32 -13.33
CA THR A 105 -15.31 -3.81 -11.96
C THR A 105 -13.93 -3.21 -11.68
N THR A 106 -12.95 -3.57 -12.50
CA THR A 106 -11.58 -3.18 -12.22
C THR A 106 -10.84 -2.79 -13.49
N VAL A 107 -10.19 -1.63 -13.46
CA VAL A 107 -9.39 -1.18 -14.59
C VAL A 107 -7.97 -0.88 -14.15
N VAL A 108 -7.01 -1.57 -14.76
CA VAL A 108 -5.60 -1.33 -14.48
C VAL A 108 -4.95 -0.65 -15.69
N ASN A 109 -4.76 0.66 -15.60
CA ASN A 109 -4.10 1.41 -16.66
C ASN A 109 -2.60 1.24 -16.54
N ASN A 110 -2.11 0.14 -17.12
CA ASN A 110 -0.72 -0.27 -16.93
C ASN A 110 0.13 -0.03 -18.18
N ALA A 111 -0.52 -0.03 -19.35
CA ALA A 111 0.20 0.18 -20.61
C ALA A 111 1.03 1.46 -20.59
N GLY A 112 2.33 1.31 -20.83
CA GLY A 112 3.24 2.45 -20.81
C GLY A 112 4.58 2.15 -21.45
N ILE A 113 5.27 3.20 -21.86
CA ILE A 113 6.58 3.08 -22.50
C ILE A 113 7.57 4.08 -21.92
N ALA A 114 8.86 3.81 -22.11
CA ALA A 114 9.90 4.71 -21.62
C ALA A 114 10.81 5.16 -22.75
N VAL A 115 11.21 6.43 -22.69
CA VAL A 115 12.20 6.99 -23.60
C VAL A 115 13.39 7.49 -22.80
N SER A 116 14.59 7.12 -23.21
CA SER A 116 15.79 7.50 -22.47
C SER A 116 16.38 8.78 -23.04
N LYS A 117 15.79 9.92 -22.66
CA LYS A 117 16.23 11.22 -23.13
C LYS A 117 16.07 12.28 -22.04
N SER A 118 17.07 13.15 -21.90
CA SER A 118 16.92 14.34 -21.07
C SER A 118 15.86 15.24 -21.68
N VAL A 119 15.32 16.14 -20.86
CA VAL A 119 14.39 17.16 -21.35
C VAL A 119 15.02 17.92 -22.51
N GLU A 120 16.29 18.28 -22.35
CA GLU A 120 17.05 18.99 -23.37
C GLU A 120 17.11 18.24 -24.70
N ASP A 121 17.25 16.92 -24.63
CA ASP A 121 17.48 16.10 -25.83
C ASP A 121 16.22 15.41 -26.34
N THR A 122 15.07 15.74 -25.77
CA THR A 122 13.82 15.12 -26.17
C THR A 122 13.23 15.76 -27.43
N THR A 123 13.09 14.98 -28.49
CA THR A 123 12.39 15.45 -29.67
C THR A 123 10.92 15.60 -29.35
N THR A 124 10.23 16.48 -30.08
CA THR A 124 8.81 16.71 -29.85
C THR A 124 8.02 15.46 -30.20
N GLU A 125 8.50 14.70 -31.17
CA GLU A 125 7.88 13.45 -31.57
C GLU A 125 7.91 12.43 -30.43
N GLU A 126 9.08 12.25 -29.82
CA GLU A 126 9.24 11.40 -28.64
C GLU A 126 8.32 11.84 -27.52
N TRP A 127 8.30 13.15 -27.28
CA TRP A 127 7.48 13.76 -26.24
C TRP A 127 5.99 13.45 -26.44
N ARG A 128 5.49 13.69 -27.65
CA ARG A 128 4.08 13.47 -27.94
C ARG A 128 3.70 12.00 -27.89
N LYS A 129 4.57 11.12 -28.38
CA LYS A 129 4.27 9.69 -28.44
C LYS A 129 4.24 9.04 -27.07
N LEU A 130 5.20 9.38 -26.21
CA LEU A 130 5.24 8.81 -24.87
C LEU A 130 4.00 9.25 -24.10
N LEU A 131 3.67 10.55 -24.19
CA LEU A 131 2.52 11.09 -23.48
C LEU A 131 1.20 10.58 -24.04
N SER A 132 1.17 10.29 -25.35
CA SER A 132 -0.01 9.71 -25.97
C SER A 132 -0.38 8.40 -25.28
N VAL A 133 0.62 7.59 -25.01
CA VAL A 133 0.41 6.30 -24.37
C VAL A 133 0.29 6.44 -22.85
N ASN A 134 1.32 7.01 -22.24
CA ASN A 134 1.42 7.06 -20.77
C ASN A 134 0.42 7.99 -20.10
N LEU A 135 0.02 9.06 -20.78
CA LEU A 135 -0.89 10.02 -20.18
C LEU A 135 -2.30 9.95 -20.76
N ASP A 136 -2.42 10.14 -22.08
CA ASP A 136 -3.72 10.13 -22.73
C ASP A 136 -4.39 8.77 -22.58
N GLY A 137 -3.59 7.71 -22.66
CA GLY A 137 -4.08 6.36 -22.49
C GLY A 137 -4.69 6.11 -21.13
N VAL A 138 -4.01 6.61 -20.10
CA VAL A 138 -4.48 6.46 -18.72
C VAL A 138 -5.74 7.27 -18.51
N PHE A 139 -5.78 8.45 -19.14
CA PHE A 139 -6.94 9.33 -19.07
C PHE A 139 -8.16 8.70 -19.74
N PHE A 140 -7.96 8.13 -20.93
CA PHE A 140 -9.03 7.45 -21.65
C PHE A 140 -9.63 6.32 -20.81
N GLY A 141 -8.76 5.52 -20.20
CA GLY A 141 -9.20 4.40 -19.40
C GLY A 141 -9.88 4.80 -18.10
N THR A 142 -9.36 5.85 -17.48
CA THR A 142 -9.92 6.35 -16.22
C THR A 142 -11.28 6.99 -16.44
N ARG A 143 -11.37 7.84 -17.47
CA ARG A 143 -12.61 8.56 -17.77
C ARG A 143 -13.74 7.60 -18.10
N LEU A 144 -13.48 6.67 -19.02
CA LEU A 144 -14.48 5.69 -19.41
C LEU A 144 -14.76 4.73 -18.26
N GLY A 145 -13.72 4.38 -17.52
CA GLY A 145 -13.86 3.53 -16.35
C GLY A 145 -14.87 4.07 -15.36
N ILE A 146 -14.80 5.37 -15.11
CA ILE A 146 -15.74 6.02 -14.21
C ILE A 146 -17.16 5.98 -14.78
N GLN A 147 -17.29 6.36 -16.04
CA GLN A 147 -18.59 6.40 -16.71
C GLN A 147 -19.29 5.03 -16.69
N ARG A 148 -18.50 3.96 -16.86
CA ARG A 148 -19.04 2.62 -17.02
C ARG A 148 -19.25 1.85 -15.71
N MET A 149 -18.51 2.20 -14.68
CA MET A 149 -18.51 1.41 -13.45
C MET A 149 -19.22 2.10 -12.28
N LYS A 150 -19.50 3.39 -12.43
CA LYS A 150 -20.11 4.15 -11.33
C LYS A 150 -21.53 3.66 -11.01
N ASN A 151 -21.89 3.76 -9.73
CA ASN A 151 -23.26 3.56 -9.28
C ASN A 151 -23.83 2.17 -9.56
N LYS A 152 -22.97 1.14 -9.54
CA LYS A 152 -23.43 -0.21 -9.85
C LYS A 152 -23.12 -1.22 -8.73
N GLY A 153 -22.63 -0.71 -7.60
CA GLY A 153 -22.37 -1.55 -6.44
C GLY A 153 -21.32 -2.63 -6.69
N LEU A 154 -20.42 -2.36 -7.62
CA LEU A 154 -19.42 -3.35 -8.02
C LEU A 154 -18.20 -3.33 -7.12
N GLY A 155 -18.09 -2.32 -6.27
CA GLY A 155 -16.87 -2.10 -5.52
C GLY A 155 -15.75 -1.85 -6.50
N ALA A 156 -15.98 -0.91 -7.40
CA ALA A 156 -15.08 -0.69 -8.53
C ALA A 156 -13.75 -0.09 -8.11
N SER A 157 -12.68 -0.51 -8.77
CA SER A 157 -11.36 0.00 -8.48
C SER A 157 -10.60 0.32 -9.76
N ILE A 158 -10.09 1.55 -9.85
CA ILE A 158 -9.24 1.94 -10.97
C ILE A 158 -7.81 2.09 -10.47
N ILE A 159 -6.91 1.31 -11.05
CA ILE A 159 -5.51 1.31 -10.64
C ILE A 159 -4.63 1.86 -11.75
N ASN A 160 -4.09 3.06 -11.55
CA ASN A 160 -3.27 3.70 -12.56
C ASN A 160 -1.79 3.53 -12.25
N MET A 161 -1.04 3.05 -13.23
CA MET A 161 0.37 2.74 -13.02
C MET A 161 1.25 3.98 -13.21
N SER A 162 1.68 4.56 -12.11
CA SER A 162 2.66 5.63 -12.16
C SER A 162 4.05 5.02 -12.02
N SER A 163 4.89 5.65 -11.20
CA SER A 163 6.26 5.19 -11.01
C SER A 163 6.91 5.95 -9.87
N ILE A 164 8.09 5.50 -9.45
CA ILE A 164 8.93 6.31 -8.58
C ILE A 164 9.33 7.57 -9.33
N GLU A 165 9.29 7.48 -10.66
CA GLU A 165 9.56 8.61 -11.54
C GLU A 165 8.39 9.58 -11.57
N GLY A 166 7.35 9.28 -10.79
CA GLY A 166 6.27 10.23 -10.55
C GLY A 166 6.50 10.96 -9.25
N PHE A 167 7.55 10.55 -8.53
CA PHE A 167 7.93 11.16 -7.26
C PHE A 167 9.22 11.96 -7.43
N VAL A 168 10.25 11.30 -7.92
CA VAL A 168 11.54 11.94 -8.17
C VAL A 168 11.82 12.00 -9.66
N GLY A 169 12.74 12.87 -10.04
CA GLY A 169 13.13 13.00 -11.42
C GLY A 169 14.30 12.11 -11.77
N ASP A 170 14.52 11.92 -13.07
CA ASP A 170 15.73 11.28 -13.56
C ASP A 170 16.23 12.10 -14.74
N PRO A 171 17.54 12.39 -14.78
CA PRO A 171 18.11 13.29 -15.79
C PRO A 171 17.90 12.82 -17.22
N THR A 172 17.62 11.53 -17.42
CA THR A 172 17.44 11.00 -18.77
C THR A 172 16.06 10.37 -18.96
N LEU A 173 15.08 10.83 -18.20
CA LEU A 173 13.71 10.33 -18.30
C LEU A 173 12.71 11.48 -18.29
N GLY A 174 13.03 12.56 -18.99
CA GLY A 174 12.24 13.78 -18.99
C GLY A 174 10.75 13.62 -19.28
N ALA A 175 10.43 13.12 -20.47
CA ALA A 175 9.05 12.91 -20.85
C ALA A 175 8.37 11.88 -19.95
N TYR A 176 9.12 10.86 -19.58
CA TYR A 176 8.62 9.81 -18.69
C TYR A 176 8.20 10.39 -17.36
N ASN A 177 9.08 11.20 -16.76
CA ASN A 177 8.79 11.90 -15.52
C ASN A 177 7.51 12.73 -15.58
N ALA A 178 7.35 13.46 -16.68
CA ALA A 178 6.16 14.27 -16.91
C ALA A 178 4.89 13.42 -16.89
N SER A 179 4.93 12.31 -17.61
CA SER A 179 3.76 11.45 -17.74
C SER A 179 3.37 10.82 -16.40
N LYS A 180 4.37 10.40 -15.63
CA LYS A 180 4.11 9.72 -14.36
C LYS A 180 3.67 10.69 -13.26
N GLY A 181 4.14 11.92 -13.34
CA GLY A 181 3.68 12.96 -12.42
C GLY A 181 2.24 13.32 -12.72
N ALA A 182 1.91 13.38 -14.00
CA ALA A 182 0.54 13.68 -14.43
C ALA A 182 -0.44 12.60 -13.96
N VAL A 183 -0.08 11.35 -14.18
CA VAL A 183 -0.92 10.22 -13.76
C VAL A 183 -1.14 10.25 -12.25
N ARG A 184 -0.07 10.55 -11.52
CA ARG A 184 -0.10 10.62 -10.06
C ARG A 184 -1.19 11.54 -9.53
N ILE A 185 -1.25 12.76 -10.07
CA ILE A 185 -2.16 13.78 -9.55
C ILE A 185 -3.54 13.74 -10.20
N MET A 186 -3.60 13.41 -11.49
CA MET A 186 -4.88 13.28 -12.18
C MET A 186 -5.76 12.22 -11.51
N SER A 187 -5.14 11.13 -11.08
CA SER A 187 -5.85 10.05 -10.40
C SER A 187 -6.50 10.53 -9.11
N LYS A 188 -5.85 11.46 -8.42
CA LYS A 188 -6.40 12.03 -7.19
C LYS A 188 -7.69 12.79 -7.49
N SER A 189 -7.68 13.55 -8.58
CA SER A 189 -8.87 14.26 -9.04
C SER A 189 -10.04 13.30 -9.26
N ALA A 190 -9.78 12.21 -9.98
CA ALA A 190 -10.79 11.20 -10.25
C ALA A 190 -11.28 10.56 -8.96
N ALA A 191 -10.34 10.24 -8.08
CA ALA A 191 -10.66 9.60 -6.81
C ALA A 191 -11.59 10.47 -5.97
N LEU A 192 -11.30 11.76 -5.91
CA LEU A 192 -12.11 12.70 -5.15
C LEU A 192 -13.51 12.82 -5.72
N ASP A 193 -13.58 12.99 -7.04
CA ASP A 193 -14.86 13.10 -7.73
C ASP A 193 -15.74 11.89 -7.46
N CYS A 194 -15.17 10.70 -7.62
CA CYS A 194 -15.90 9.46 -7.38
C CYS A 194 -16.37 9.33 -5.93
N ALA A 195 -15.52 9.77 -5.00
CA ALA A 195 -15.83 9.69 -3.58
C ALA A 195 -16.95 10.67 -3.19
N LEU A 196 -16.83 11.92 -3.63
CA LEU A 196 -17.80 12.95 -3.29
C LEU A 196 -19.17 12.69 -3.90
N LYS A 197 -19.19 12.03 -5.06
CA LYS A 197 -20.44 11.74 -5.74
C LYS A 197 -20.97 10.34 -5.42
N ASP A 198 -20.29 9.65 -4.50
CA ASP A 198 -20.69 8.31 -4.08
C ASP A 198 -20.83 7.35 -5.26
N TYR A 199 -19.84 7.35 -6.14
CA TYR A 199 -19.86 6.53 -7.34
C TYR A 199 -19.57 5.05 -7.09
N ASP A 200 -19.07 4.74 -5.89
CA ASP A 200 -18.57 3.41 -5.56
C ASP A 200 -17.44 3.02 -6.52
N VAL A 201 -16.56 3.98 -6.79
CA VAL A 201 -15.37 3.75 -7.60
C VAL A 201 -14.17 4.34 -6.87
N ARG A 202 -13.13 3.54 -6.68
CA ARG A 202 -11.90 4.03 -6.06
C ARG A 202 -10.81 4.18 -7.11
N VAL A 203 -9.95 5.18 -6.92
CA VAL A 203 -8.83 5.42 -7.82
C VAL A 203 -7.53 5.60 -7.05
N ASN A 204 -6.55 4.75 -7.33
CA ASN A 204 -5.26 4.84 -6.67
C ASN A 204 -4.12 4.67 -7.68
N THR A 205 -2.92 5.10 -7.29
CA THR A 205 -1.76 4.93 -8.14
C THR A 205 -0.73 3.99 -7.51
N VAL A 206 -0.09 3.20 -8.35
CA VAL A 206 0.99 2.32 -7.93
C VAL A 206 2.30 2.89 -8.46
N HIS A 207 3.32 2.96 -7.62
CA HIS A 207 4.58 3.55 -8.01
C HIS A 207 5.71 2.56 -7.82
N PRO A 208 5.89 1.67 -8.81
CA PRO A 208 6.97 0.68 -8.78
C PRO A 208 8.34 1.33 -8.83
N GLY A 209 9.32 0.73 -8.14
CA GLY A 209 10.70 1.04 -8.39
C GLY A 209 11.12 0.29 -9.64
N TYR A 210 12.41 0.06 -9.81
CA TYR A 210 12.86 -0.66 -10.98
C TYR A 210 12.50 -2.14 -10.88
N ILE A 211 11.84 -2.64 -11.91
CA ILE A 211 11.36 -4.01 -11.97
C ILE A 211 11.92 -4.72 -13.19
N LYS A 212 12.40 -5.95 -13.03
CA LYS A 212 12.93 -6.72 -14.15
C LYS A 212 11.85 -7.03 -15.18
N THR A 213 11.83 -6.26 -16.26
CA THR A 213 10.85 -6.41 -17.33
C THR A 213 11.52 -6.08 -18.67
N PRO A 214 10.86 -6.42 -19.80
CA PRO A 214 11.38 -5.98 -21.10
C PRO A 214 11.60 -4.47 -21.20
N LEU A 215 10.80 -3.67 -20.51
CA LEU A 215 10.98 -2.22 -20.47
C LEU A 215 12.37 -1.88 -19.93
N VAL A 216 12.73 -2.46 -18.78
CA VAL A 216 14.01 -2.18 -18.15
C VAL A 216 15.15 -2.76 -18.99
N ASP A 217 14.89 -3.92 -19.60
CA ASP A 217 15.85 -4.53 -20.50
C ASP A 217 16.15 -3.62 -21.69
N ASP A 218 15.14 -2.85 -22.11
CA ASP A 218 15.29 -1.94 -23.24
C ASP A 218 16.03 -0.67 -22.84
N LEU A 219 16.06 -0.37 -21.54
CA LEU A 219 16.85 0.73 -21.02
C LEU A 219 18.29 0.24 -20.79
N GLU A 220 19.19 0.61 -21.69
CA GLU A 220 20.55 0.11 -21.68
C GLU A 220 21.27 0.32 -20.35
N GLY A 221 21.68 -0.79 -19.73
CA GLY A 221 22.46 -0.76 -18.50
C GLY A 221 21.68 -0.35 -17.26
N ALA A 222 20.37 -0.26 -17.38
CA ALA A 222 19.51 0.20 -16.28
C ALA A 222 19.54 -0.76 -15.09
N GLU A 223 19.57 -2.06 -15.35
CA GLU A 223 19.49 -3.04 -14.29
C GLU A 223 20.70 -2.99 -13.36
N GLU A 224 21.90 -2.93 -13.93
CA GLU A 224 23.11 -2.90 -13.12
C GLU A 224 23.28 -1.58 -12.38
N MET A 225 22.89 -0.49 -13.01
CA MET A 225 23.04 0.84 -12.41
C MET A 225 22.02 1.08 -11.29
N MET A 226 20.79 0.63 -11.51
CA MET A 226 19.74 0.84 -10.52
C MET A 226 19.79 -0.22 -9.42
N SER A 227 20.64 -1.23 -9.60
CA SER A 227 20.88 -2.21 -8.55
C SER A 227 21.92 -1.71 -7.56
N GLN A 228 22.62 -0.63 -7.93
CA GLN A 228 23.59 -0.01 -7.03
C GLN A 228 22.88 0.55 -5.80
N ARG A 229 23.55 0.48 -4.66
CA ARG A 229 22.95 0.86 -3.38
C ARG A 229 22.51 2.32 -3.35
N THR A 230 23.22 3.16 -4.11
CA THR A 230 22.90 4.58 -4.19
C THR A 230 21.58 4.82 -4.93
N LYS A 231 21.12 3.80 -5.65
CA LYS A 231 19.83 3.87 -6.33
C LYS A 231 18.79 3.04 -5.58
N THR A 232 18.92 1.72 -5.65
CA THR A 232 18.06 0.83 -4.89
C THR A 232 18.81 0.24 -3.70
N PRO A 233 18.47 0.68 -2.48
CA PRO A 233 19.15 0.27 -1.24
C PRO A 233 19.19 -1.24 -1.01
N MET A 234 18.21 -1.97 -1.53
CA MET A 234 18.19 -3.43 -1.36
C MET A 234 19.27 -4.12 -2.19
N GLY A 235 19.87 -3.39 -3.12
CA GLY A 235 20.96 -3.92 -3.91
C GLY A 235 20.52 -4.79 -5.06
N HIS A 236 19.24 -4.69 -5.42
CA HIS A 236 18.71 -5.41 -6.56
C HIS A 236 17.38 -4.78 -6.98
N ILE A 237 16.94 -5.05 -8.19
CA ILE A 237 15.66 -4.54 -8.65
C ILE A 237 14.58 -5.59 -8.39
N GLY A 238 13.32 -5.20 -8.55
CA GLY A 238 12.22 -6.07 -8.22
C GLY A 238 11.78 -6.99 -9.33
N GLU A 239 10.73 -7.75 -9.06
CA GLU A 239 10.14 -8.64 -10.05
C GLU A 239 8.67 -8.26 -10.26
N PRO A 240 8.08 -8.63 -11.41
CA PRO A 240 6.71 -8.25 -11.72
C PRO A 240 5.68 -8.63 -10.66
N ASN A 241 5.89 -9.75 -9.97
CA ASN A 241 4.98 -10.17 -8.90
C ASN A 241 4.92 -9.18 -7.73
N ASP A 242 6.00 -8.43 -7.51
CA ASP A 242 6.02 -7.42 -6.47
C ASP A 242 4.95 -6.36 -6.71
N ILE A 243 4.63 -6.10 -7.97
CA ILE A 243 3.64 -5.10 -8.31
C ILE A 243 2.26 -5.75 -8.42
N ALA A 244 2.23 -7.00 -8.85
CA ALA A 244 0.99 -7.75 -8.96
C ALA A 244 0.25 -7.81 -7.62
N TRP A 245 0.97 -8.07 -6.53
CA TRP A 245 0.33 -8.29 -5.24
C TRP A 245 -0.26 -7.02 -4.63
N ILE A 246 0.35 -5.87 -4.87
CA ILE A 246 -0.21 -4.63 -4.34
C ILE A 246 -1.43 -4.25 -5.17
N CYS A 247 -1.43 -4.60 -6.46
CA CYS A 247 -2.58 -4.37 -7.32
C CYS A 247 -3.74 -5.26 -6.91
N VAL A 248 -3.44 -6.47 -6.46
CA VAL A 248 -4.47 -7.38 -5.98
C VAL A 248 -5.17 -6.75 -4.78
N TYR A 249 -4.37 -6.20 -3.87
CA TYR A 249 -4.89 -5.51 -2.70
C TYR A 249 -5.81 -4.35 -3.08
N LEU A 250 -5.36 -3.53 -4.02
CA LEU A 250 -6.14 -2.37 -4.46
C LEU A 250 -7.39 -2.76 -5.24
N ALA A 251 -7.34 -3.91 -5.91
CA ALA A 251 -8.49 -4.38 -6.68
C ALA A 251 -9.53 -5.00 -5.75
N SER A 252 -9.07 -5.54 -4.62
CA SER A 252 -9.97 -6.23 -3.70
C SER A 252 -10.73 -5.26 -2.79
N ASP A 253 -11.80 -5.77 -2.20
CA ASP A 253 -12.60 -4.98 -1.26
C ASP A 253 -11.88 -4.77 0.06
N GLU A 254 -10.73 -5.43 0.23
CA GLU A 254 -9.88 -5.20 1.39
C GLU A 254 -9.48 -3.72 1.51
N SER A 255 -9.33 -3.06 0.37
CA SER A 255 -8.87 -1.67 0.34
C SER A 255 -10.01 -0.69 0.10
N LYS A 256 -11.21 -1.04 0.57
CA LYS A 256 -12.41 -0.24 0.34
C LYS A 256 -12.33 1.18 0.92
N PHE A 257 -11.37 1.42 1.81
CA PHE A 257 -11.21 2.74 2.40
C PHE A 257 -10.02 3.48 1.80
N ALA A 258 -9.37 2.85 0.83
CA ALA A 258 -8.21 3.44 0.19
C ALA A 258 -8.57 4.05 -1.17
N THR A 259 -8.46 5.38 -1.26
CA THR A 259 -8.66 6.07 -2.54
C THR A 259 -7.81 7.34 -2.57
N GLY A 260 -7.36 7.72 -3.77
CA GLY A 260 -6.58 8.92 -3.95
C GLY A 260 -5.17 8.82 -3.41
N ALA A 261 -4.74 7.59 -3.10
CA ALA A 261 -3.47 7.38 -2.44
C ALA A 261 -2.40 6.83 -3.38
N GLU A 262 -1.16 6.84 -2.91
CA GLU A 262 -0.01 6.44 -3.71
C GLU A 262 0.68 5.26 -3.03
N PHE A 263 0.88 4.17 -3.77
CA PHE A 263 1.45 2.97 -3.18
C PHE A 263 2.78 2.62 -3.83
N VAL A 264 3.84 2.71 -3.02
CA VAL A 264 5.21 2.62 -3.52
C VAL A 264 5.88 1.30 -3.16
N VAL A 265 6.31 0.57 -4.19
CA VAL A 265 7.04 -0.68 -4.02
C VAL A 265 8.36 -0.58 -4.78
N ASP A 266 9.42 -0.14 -4.12
CA ASP A 266 10.61 0.29 -4.83
C ASP A 266 11.95 -0.11 -4.21
N GLY A 267 11.92 -1.03 -3.25
CA GLY A 267 13.14 -1.47 -2.60
C GLY A 267 13.88 -0.37 -1.85
N GLY A 268 13.17 0.69 -1.50
CA GLY A 268 13.75 1.78 -0.74
C GLY A 268 14.31 2.94 -1.54
N TYR A 269 14.08 2.90 -2.86
CA TYR A 269 14.63 3.92 -3.77
C TYR A 269 14.31 5.34 -3.32
N THR A 270 13.04 5.61 -3.05
CA THR A 270 12.60 6.96 -2.71
C THR A 270 12.73 7.27 -1.21
N ALA A 271 13.17 6.29 -0.43
CA ALA A 271 13.33 6.48 1.00
C ALA A 271 14.63 7.21 1.33
N GLN A 272 15.56 7.21 0.39
CA GLN A 272 16.81 7.95 0.55
C GLN A 272 16.90 9.08 -0.46
N ASP B 23 -2.71 -18.78 6.08
CA ASP B 23 -2.32 -18.85 4.69
C ASP B 23 -1.28 -17.80 4.32
N ARG B 24 -1.69 -16.54 4.22
CA ARG B 24 -0.82 -15.47 3.71
C ARG B 24 0.31 -15.10 4.67
N LEU B 25 0.17 -15.47 5.94
CA LEU B 25 1.20 -15.17 6.95
C LEU B 25 1.75 -16.43 7.59
N LYS B 26 1.91 -17.48 6.79
CA LYS B 26 2.38 -18.77 7.26
C LYS B 26 3.76 -18.68 7.91
N GLY B 27 3.87 -19.18 9.14
CA GLY B 27 5.14 -19.21 9.86
C GLY B 27 5.55 -17.89 10.47
N LYS B 28 4.74 -16.85 10.28
CA LYS B 28 5.04 -15.54 10.84
C LYS B 28 4.75 -15.49 12.34
N VAL B 29 5.57 -14.75 13.08
CA VAL B 29 5.37 -14.55 14.51
C VAL B 29 5.39 -13.06 14.79
N ALA B 30 4.25 -12.53 15.24
CA ALA B 30 4.08 -11.08 15.32
C ALA B 30 3.90 -10.56 16.74
N ILE B 31 4.53 -9.42 17.02
CA ILE B 31 4.22 -8.64 18.20
C ILE B 31 3.39 -7.44 17.78
N VAL B 32 2.20 -7.30 18.35
CA VAL B 32 1.34 -6.16 18.05
C VAL B 32 1.10 -5.35 19.31
N THR B 33 1.75 -4.20 19.41
CA THR B 33 1.58 -3.37 20.60
C THR B 33 0.24 -2.67 20.53
N GLY B 34 -0.42 -2.57 21.67
CA GLY B 34 -1.76 -2.01 21.73
C GLY B 34 -2.73 -2.82 20.89
N GLY B 35 -2.65 -4.14 21.03
CA GLY B 35 -3.44 -5.03 20.21
C GLY B 35 -4.72 -5.50 20.88
N THR B 36 -5.14 -4.79 21.92
CA THR B 36 -6.28 -5.22 22.71
C THR B 36 -7.55 -4.45 22.36
N LEU B 37 -7.40 -3.35 21.64
CA LEU B 37 -8.54 -2.53 21.21
C LEU B 37 -8.30 -1.95 19.82
N GLY B 38 -9.37 -1.48 19.20
CA GLY B 38 -9.30 -0.69 17.97
C GLY B 38 -8.54 -1.33 16.82
N ILE B 39 -7.64 -0.55 16.23
CA ILE B 39 -6.88 -0.98 15.07
C ILE B 39 -5.98 -2.17 15.40
N GLY B 40 -5.31 -2.11 16.54
CA GLY B 40 -4.40 -3.17 16.94
C GLY B 40 -5.10 -4.50 17.12
N LEU B 41 -6.31 -4.47 17.65
CA LEU B 41 -7.10 -5.69 17.83
C LEU B 41 -7.42 -6.33 16.49
N ALA B 42 -7.81 -5.51 15.51
CA ALA B 42 -8.15 -6.03 14.19
C ALA B 42 -6.93 -6.57 13.47
N ILE B 43 -5.79 -5.89 13.63
CA ILE B 43 -4.52 -6.36 13.08
C ILE B 43 -4.20 -7.75 13.63
N ALA B 44 -4.29 -7.91 14.94
CA ALA B 44 -4.06 -9.20 15.60
C ALA B 44 -5.05 -10.25 15.10
N ASP B 45 -6.32 -9.85 15.01
CA ASP B 45 -7.39 -10.73 14.54
C ASP B 45 -7.09 -11.29 13.16
N LYS B 46 -6.78 -10.40 12.22
CA LYS B 46 -6.54 -10.82 10.84
C LYS B 46 -5.19 -11.54 10.69
N PHE B 47 -4.22 -11.16 11.51
CA PHE B 47 -2.92 -11.84 11.52
C PHE B 47 -3.08 -13.31 11.86
N VAL B 48 -3.83 -13.59 12.92
CA VAL B 48 -4.10 -14.97 13.34
C VAL B 48 -4.87 -15.71 12.24
N GLU B 49 -5.85 -15.02 11.66
CA GLU B 49 -6.66 -15.58 10.59
C GLU B 49 -5.80 -16.03 9.41
N GLU B 50 -4.70 -15.32 9.17
CA GLU B 50 -3.83 -15.62 8.04
C GLU B 50 -2.66 -16.54 8.41
N GLY B 51 -2.73 -17.15 9.59
CA GLY B 51 -1.76 -18.16 9.97
C GLY B 51 -0.65 -17.72 10.90
N ALA B 52 -0.61 -16.43 11.24
CA ALA B 52 0.46 -15.92 12.09
C ALA B 52 0.19 -16.21 13.57
N LYS B 53 1.26 -16.33 14.34
CA LYS B 53 1.16 -16.36 15.79
C LYS B 53 1.39 -14.95 16.32
N VAL B 54 0.58 -14.55 17.30
CA VAL B 54 0.57 -13.14 17.72
C VAL B 54 0.65 -12.94 19.23
N VAL B 55 1.49 -12.01 19.65
CA VAL B 55 1.44 -11.52 21.02
C VAL B 55 0.96 -10.07 21.00
N ILE B 56 -0.14 -9.80 21.69
CA ILE B 56 -0.67 -8.45 21.81
C ILE B 56 -0.29 -7.86 23.17
N THR B 57 -0.05 -6.55 23.20
CA THR B 57 0.24 -5.89 24.46
C THR B 57 -0.80 -4.81 24.76
N GLY B 58 -0.83 -4.39 26.03
CA GLY B 58 -1.71 -3.35 26.50
C GLY B 58 -1.40 -3.12 27.96
N ARG B 59 -1.91 -2.04 28.53
CA ARG B 59 -1.63 -1.72 29.93
C ARG B 59 -2.65 -2.33 30.87
N HIS B 60 -3.86 -2.56 30.37
CA HIS B 60 -4.93 -3.13 31.17
C HIS B 60 -5.10 -4.63 30.93
N ALA B 61 -4.95 -5.41 31.99
CA ALA B 61 -4.93 -6.86 31.88
C ALA B 61 -6.29 -7.47 31.58
N ASP B 62 -7.34 -6.91 32.19
CA ASP B 62 -8.69 -7.43 32.00
C ASP B 62 -9.13 -7.27 30.55
N VAL B 63 -8.91 -6.08 29.99
CA VAL B 63 -9.22 -5.82 28.60
C VAL B 63 -8.34 -6.69 27.70
N GLY B 64 -7.07 -6.85 28.07
CA GLY B 64 -6.13 -7.61 27.30
C GLY B 64 -6.45 -9.09 27.15
N GLU B 65 -6.76 -9.74 28.28
CA GLU B 65 -7.07 -11.17 28.27
C GLU B 65 -8.36 -11.47 27.51
N LYS B 66 -9.36 -10.61 27.70
CA LYS B 66 -10.62 -10.74 26.97
C LYS B 66 -10.36 -10.61 25.46
N ALA B 67 -9.49 -9.69 25.09
CA ALA B 67 -9.14 -9.46 23.69
C ALA B 67 -8.47 -10.68 23.08
N ALA B 68 -7.46 -11.21 23.77
CA ALA B 68 -6.71 -12.37 23.28
C ALA B 68 -7.61 -13.59 23.11
N LYS B 69 -8.41 -13.87 24.14
CA LYS B 69 -9.30 -15.03 24.12
C LYS B 69 -10.39 -14.88 23.05
N SER B 70 -10.70 -13.64 22.69
CA SER B 70 -11.73 -13.38 21.69
C SER B 70 -11.25 -13.76 20.28
N ILE B 71 -9.94 -13.87 20.12
CA ILE B 71 -9.37 -14.19 18.81
C ILE B 71 -9.00 -15.67 18.70
N GLY B 72 -8.40 -16.22 19.75
CA GLY B 72 -8.03 -17.62 19.75
C GLY B 72 -7.41 -18.10 21.04
N GLY B 73 -6.93 -19.35 21.02
CA GLY B 73 -6.28 -19.94 22.17
C GLY B 73 -4.81 -19.56 22.21
N THR B 74 -4.11 -19.99 23.26
CA THR B 74 -2.72 -19.62 23.47
C THR B 74 -1.77 -20.32 22.50
N ASP B 75 -2.32 -21.16 21.62
CA ASP B 75 -1.51 -21.79 20.59
C ASP B 75 -1.27 -20.84 19.42
N VAL B 76 -2.09 -19.79 19.34
CA VAL B 76 -1.96 -18.83 18.25
C VAL B 76 -1.83 -17.38 18.73
N ILE B 77 -2.35 -17.09 19.91
CA ILE B 77 -2.30 -15.72 20.41
C ILE B 77 -2.21 -15.65 21.94
N ARG B 78 -1.37 -14.74 22.43
CA ARG B 78 -1.24 -14.51 23.87
C ARG B 78 -1.20 -13.02 24.19
N PHE B 79 -1.76 -12.65 25.34
CA PHE B 79 -1.68 -11.27 25.81
C PHE B 79 -0.53 -11.09 26.80
N VAL B 80 0.26 -10.05 26.60
CA VAL B 80 1.29 -9.66 27.56
C VAL B 80 1.09 -8.21 27.99
N GLN B 81 0.90 -7.99 29.29
CA GLN B 81 0.76 -6.65 29.81
C GLN B 81 2.08 -5.90 29.68
N HIS B 82 2.06 -4.78 28.96
CA HIS B 82 3.28 -4.02 28.71
C HIS B 82 2.99 -2.61 28.21
N ASP B 83 3.59 -1.63 28.86
CA ASP B 83 3.55 -0.25 28.38
C ASP B 83 4.64 -0.08 27.32
N ALA B 84 4.27 0.38 26.13
CA ALA B 84 5.20 0.50 25.03
C ALA B 84 6.37 1.43 25.36
N SER B 85 6.18 2.33 26.30
CA SER B 85 7.23 3.27 26.70
C SER B 85 8.13 2.67 27.78
N ASP B 86 7.84 1.43 28.18
CA ASP B 86 8.66 0.72 29.15
C ASP B 86 9.79 -0.01 28.42
N GLU B 87 10.99 0.57 28.47
CA GLU B 87 12.13 0.10 27.68
C GLU B 87 12.59 -1.30 28.09
N ALA B 88 12.79 -1.49 29.39
CA ALA B 88 13.23 -2.79 29.91
C ALA B 88 12.23 -3.90 29.57
N GLY B 89 10.95 -3.56 29.62
CA GLY B 89 9.89 -4.52 29.32
C GLY B 89 9.91 -5.05 27.90
N TRP B 90 10.49 -4.27 26.98
CA TRP B 90 10.56 -4.66 25.58
C TRP B 90 11.39 -5.92 25.36
N THR B 91 12.52 -6.01 26.06
CA THR B 91 13.40 -7.17 25.93
C THR B 91 12.70 -8.43 26.45
N LYS B 92 11.97 -8.30 27.55
CA LYS B 92 11.22 -9.43 28.11
C LYS B 92 10.07 -9.82 27.18
N LEU B 93 9.50 -8.83 26.50
CA LEU B 93 8.42 -9.07 25.55
C LEU B 93 8.88 -9.92 24.38
N PHE B 94 10.05 -9.58 23.83
CA PHE B 94 10.65 -10.37 22.76
C PHE B 94 11.00 -11.78 23.23
N ASP B 95 11.57 -11.88 24.42
CA ASP B 95 11.92 -13.18 25.00
C ASP B 95 10.69 -14.05 25.21
N THR B 96 9.61 -13.43 25.67
CA THR B 96 8.35 -14.13 25.91
C THR B 96 7.74 -14.64 24.61
N THR B 97 7.69 -13.76 23.61
CA THR B 97 7.13 -14.09 22.31
C THR B 97 7.92 -15.22 21.63
N GLU B 98 9.24 -15.13 21.68
CA GLU B 98 10.10 -16.11 21.03
C GLU B 98 10.03 -17.48 21.71
N GLU B 99 9.98 -17.48 23.04
CA GLU B 99 9.85 -18.72 23.80
C GLU B 99 8.52 -19.41 23.49
N ALA B 100 7.48 -18.61 23.30
CA ALA B 100 6.14 -19.13 23.05
C ALA B 100 5.94 -19.62 21.63
N PHE B 101 6.45 -18.89 20.65
CA PHE B 101 6.11 -19.14 19.24
C PHE B 101 7.30 -19.33 18.32
N GLY B 102 8.51 -19.16 18.84
CA GLY B 102 9.69 -19.18 18.01
C GLY B 102 10.07 -17.77 17.60
N PRO B 103 11.17 -17.64 16.83
CA PRO B 103 11.75 -16.34 16.42
C PRO B 103 10.73 -15.34 15.91
N VAL B 104 10.75 -14.14 16.48
CA VAL B 104 9.85 -13.07 16.05
C VAL B 104 10.18 -12.65 14.62
N THR B 105 9.15 -12.50 13.79
CA THR B 105 9.36 -12.12 12.39
C THR B 105 8.70 -10.79 12.07
N THR B 106 7.76 -10.37 12.90
CA THR B 106 6.95 -9.20 12.60
C THR B 106 6.69 -8.36 13.83
N VAL B 107 6.96 -7.07 13.73
CA VAL B 107 6.69 -6.15 14.83
C VAL B 107 5.78 -5.02 14.36
N VAL B 108 4.62 -4.91 14.99
CA VAL B 108 3.70 -3.83 14.68
C VAL B 108 3.65 -2.84 15.83
N ASN B 109 4.34 -1.71 15.66
CA ASN B 109 4.35 -0.65 16.66
C ASN B 109 3.09 0.19 16.52
N ASN B 110 2.02 -0.28 17.15
CA ASN B 110 0.69 0.30 16.95
C ASN B 110 0.24 1.11 18.17
N ALA B 111 0.74 0.76 19.35
CA ALA B 111 0.37 1.46 20.58
C ALA B 111 0.59 2.97 20.44
N GLY B 112 -0.47 3.72 20.67
CA GLY B 112 -0.41 5.17 20.54
C GLY B 112 -1.60 5.86 21.19
N ILE B 113 -1.42 7.14 21.52
CA ILE B 113 -2.46 7.93 22.15
C ILE B 113 -2.57 9.30 21.49
N ALA B 114 -3.72 9.95 21.68
CA ALA B 114 -3.95 11.27 21.11
C ALA B 114 -4.30 12.28 22.19
N VAL B 115 -3.79 13.50 22.05
CA VAL B 115 -4.15 14.60 22.92
C VAL B 115 -4.77 15.73 22.08
N SER B 116 -5.92 16.24 22.54
CA SER B 116 -6.62 17.27 21.79
C SER B 116 -6.22 18.66 22.26
N LYS B 117 -5.05 19.11 21.80
CA LYS B 117 -4.51 20.41 22.17
C LYS B 117 -3.74 21.03 21.01
N SER B 118 -3.94 22.32 20.79
CA SER B 118 -3.09 23.07 19.87
C SER B 118 -1.67 23.11 20.43
N VAL B 119 -0.70 23.38 19.58
CA VAL B 119 0.68 23.57 20.01
C VAL B 119 0.75 24.63 21.11
N GLU B 120 0.03 25.73 20.90
CA GLU B 120 -0.05 26.83 21.86
C GLU B 120 -0.56 26.38 23.22
N ASP B 121 -1.54 25.48 23.24
CA ASP B 121 -2.21 25.10 24.47
C ASP B 121 -1.70 23.78 25.05
N THR B 122 -0.63 23.24 24.47
CA THR B 122 -0.08 21.97 24.93
C THR B 122 0.82 22.15 26.15
N THR B 123 0.44 21.53 27.26
CA THR B 123 1.31 21.51 28.44
C THR B 123 2.53 20.65 28.13
N THR B 124 3.64 20.93 28.82
CA THR B 124 4.87 20.18 28.61
C THR B 124 4.67 18.73 29.04
N GLU B 125 3.83 18.53 30.05
CA GLU B 125 3.49 17.20 30.52
C GLU B 125 2.76 16.39 29.46
N GLU B 126 1.72 16.99 28.86
CA GLU B 126 1.01 16.37 27.74
C GLU B 126 1.97 16.02 26.62
N TRP B 127 2.84 16.97 26.30
CA TRP B 127 3.83 16.82 25.25
C TRP B 127 4.74 15.62 25.48
N ARG B 128 5.33 15.56 26.68
CA ARG B 128 6.26 14.49 27.03
C ARG B 128 5.59 13.12 27.08
N LYS B 129 4.37 13.07 27.60
CA LYS B 129 3.68 11.80 27.78
C LYS B 129 3.29 11.18 26.45
N LEU B 130 2.78 11.99 25.53
CA LEU B 130 2.38 11.50 24.22
C LEU B 130 3.59 10.98 23.44
N LEU B 131 4.67 11.76 23.45
CA LEU B 131 5.88 11.39 22.73
C LEU B 131 6.57 10.18 23.34
N SER B 132 6.44 10.02 24.65
CA SER B 132 6.98 8.84 25.33
C SER B 132 6.36 7.57 24.75
N VAL B 133 5.05 7.61 24.51
CA VAL B 133 4.34 6.46 23.96
C VAL B 133 4.45 6.39 22.45
N ASN B 134 4.01 7.45 21.77
CA ASN B 134 3.91 7.45 20.31
C ASN B 134 5.25 7.45 19.58
N LEU B 135 6.28 8.03 20.19
CA LEU B 135 7.58 8.11 19.54
C LEU B 135 8.61 7.17 20.18
N ASP B 136 8.87 7.34 21.47
CA ASP B 136 9.87 6.51 22.15
C ASP B 136 9.48 5.04 22.13
N GLY B 137 8.17 4.77 22.27
CA GLY B 137 7.67 3.41 22.21
C GLY B 137 7.94 2.75 20.87
N VAL B 138 7.75 3.51 19.80
CA VAL B 138 7.98 3.00 18.45
C VAL B 138 9.47 2.78 18.23
N PHE B 139 10.29 3.68 18.77
CA PHE B 139 11.73 3.59 18.67
C PHE B 139 12.27 2.35 19.38
N PHE B 140 11.78 2.11 20.59
CA PHE B 140 12.16 0.94 21.37
C PHE B 140 11.86 -0.36 20.61
N GLY B 141 10.67 -0.42 20.02
CA GLY B 141 10.25 -1.60 19.28
C GLY B 141 11.00 -1.80 17.98
N THR B 142 11.27 -0.70 17.28
CA THR B 142 11.98 -0.75 16.02
C THR B 142 13.45 -1.12 16.23
N ARG B 143 14.09 -0.49 17.21
CA ARG B 143 15.49 -0.75 17.49
C ARG B 143 15.73 -2.19 17.90
N LEU B 144 14.96 -2.68 18.85
CA LEU B 144 15.10 -4.05 19.33
C LEU B 144 14.68 -5.03 18.23
N GLY B 145 13.63 -4.65 17.48
CA GLY B 145 13.17 -5.45 16.36
C GLY B 145 14.26 -5.73 15.35
N ILE B 146 15.05 -4.71 15.02
CA ILE B 146 16.17 -4.87 14.10
C ILE B 146 17.23 -5.79 14.68
N GLN B 147 17.60 -5.53 15.93
CA GLN B 147 18.63 -6.31 16.61
C GLN B 147 18.27 -7.79 16.69
N ARG B 148 16.99 -8.08 16.89
CA ARG B 148 16.54 -9.44 17.15
C ARG B 148 16.16 -10.23 15.89
N MET B 149 15.80 -9.53 14.83
CA MET B 149 15.26 -10.19 13.64
C MET B 149 16.22 -10.19 12.45
N LYS B 150 17.28 -9.41 12.53
CA LYS B 150 18.22 -9.29 11.41
C LYS B 150 18.97 -10.59 11.14
N ASN B 151 19.27 -10.83 9.86
CA ASN B 151 20.18 -11.89 9.44
C ASN B 151 19.72 -13.30 9.81
N LYS B 152 18.41 -13.51 9.85
CA LYS B 152 17.88 -14.82 10.24
C LYS B 152 16.98 -15.41 9.16
N GLY B 153 16.92 -14.76 8.00
CA GLY B 153 16.15 -15.27 6.88
C GLY B 153 14.66 -15.39 7.16
N LEU B 154 14.16 -14.55 8.05
CA LEU B 154 12.77 -14.64 8.50
C LEU B 154 11.82 -13.88 7.59
N GLY B 155 12.38 -13.07 6.69
CA GLY B 155 11.58 -12.15 5.91
C GLY B 155 10.90 -11.20 6.87
N ALA B 156 11.72 -10.60 7.74
CA ALA B 156 11.21 -9.79 8.84
C ALA B 156 10.58 -8.50 8.35
N SER B 157 9.51 -8.10 9.02
CA SER B 157 8.82 -6.86 8.67
C SER B 157 8.47 -6.05 9.92
N ILE B 158 8.86 -4.78 9.91
CA ILE B 158 8.49 -3.87 10.97
C ILE B 158 7.48 -2.86 10.44
N ILE B 159 6.30 -2.84 11.04
CA ILE B 159 5.23 -1.96 10.61
C ILE B 159 4.95 -0.92 11.69
N ASN B 160 5.31 0.34 11.41
CA ASN B 160 5.12 1.39 12.39
C ASN B 160 3.89 2.22 12.06
N MET B 161 3.02 2.38 13.06
CA MET B 161 1.75 3.06 12.83
C MET B 161 1.90 4.57 12.94
N SER B 162 1.93 5.23 11.79
CA SER B 162 1.89 6.67 11.75
C SER B 162 0.45 7.11 11.62
N SER B 163 0.19 8.07 10.74
CA SER B 163 -1.15 8.61 10.55
C SER B 163 -1.18 9.55 9.35
N ILE B 164 -2.36 9.96 8.95
CA ILE B 164 -2.50 11.08 8.03
C ILE B 164 -1.96 12.34 8.70
N GLU B 165 -1.95 12.32 10.02
CA GLU B 165 -1.38 13.40 10.83
C GLU B 165 0.14 13.36 10.84
N GLY B 166 0.71 12.40 10.10
CA GLY B 166 2.14 12.39 9.85
C GLY B 166 2.43 13.00 8.48
N PHE B 167 1.36 13.33 7.75
CA PHE B 167 1.46 13.95 6.44
C PHE B 167 1.02 15.41 6.50
N VAL B 168 -0.19 15.61 7.01
CA VAL B 168 -0.76 16.94 7.15
C VAL B 168 -0.92 17.29 8.63
N GLY B 169 -1.06 18.58 8.91
CA GLY B 169 -1.25 19.02 10.28
C GLY B 169 -2.71 19.12 10.68
N ASP B 170 -2.94 19.21 11.98
CA ASP B 170 -4.26 19.53 12.52
C ASP B 170 -4.08 20.56 13.62
N PRO B 171 -4.90 21.62 13.62
CA PRO B 171 -4.72 22.75 14.54
C PRO B 171 -4.82 22.37 16.02
N THR B 172 -5.44 21.22 16.32
CA THR B 172 -5.62 20.80 17.70
C THR B 172 -4.98 19.45 18.01
N LEU B 173 -3.96 19.08 17.24
CA LEU B 173 -3.23 17.83 17.45
C LEU B 173 -1.73 18.06 17.35
N GLY B 174 -1.26 19.14 17.96
CA GLY B 174 0.13 19.55 17.88
C GLY B 174 1.15 18.48 18.22
N ALA B 175 1.10 17.98 19.45
CA ALA B 175 2.03 16.93 19.89
C ALA B 175 1.84 15.65 19.06
N TYR B 176 0.59 15.33 18.76
CA TYR B 176 0.25 14.16 17.95
C TYR B 176 0.91 14.24 16.57
N ASN B 177 0.76 15.38 15.91
CA ASN B 177 1.41 15.62 14.63
C ASN B 177 2.92 15.40 14.70
N ALA B 178 3.53 15.91 15.75
CA ALA B 178 4.97 15.78 15.95
C ALA B 178 5.39 14.31 15.99
N SER B 179 4.68 13.51 16.79
CA SER B 179 5.03 12.11 16.96
C SER B 179 4.88 11.32 15.66
N LYS B 180 3.82 11.60 14.92
CA LYS B 180 3.53 10.85 13.71
C LYS B 180 4.46 11.23 12.56
N GLY B 181 4.90 12.48 12.55
CA GLY B 181 5.89 12.94 11.59
C GLY B 181 7.23 12.32 11.90
N ALA B 182 7.53 12.21 13.18
CA ALA B 182 8.77 11.57 13.64
C ALA B 182 8.80 10.10 13.26
N VAL B 183 7.69 9.40 13.53
CA VAL B 183 7.58 7.98 13.19
C VAL B 183 7.78 7.77 11.69
N ARG B 184 7.16 8.65 10.90
CA ARG B 184 7.22 8.59 9.44
C ARG B 184 8.65 8.55 8.89
N ILE B 185 9.49 9.45 9.37
CA ILE B 185 10.84 9.60 8.82
C ILE B 185 11.87 8.70 9.51
N MET B 186 11.71 8.51 10.82
CA MET B 186 12.59 7.59 11.55
C MET B 186 12.55 6.19 10.95
N SER B 187 11.37 5.76 10.54
CA SER B 187 11.19 4.45 9.92
C SER B 187 11.98 4.31 8.62
N LYS B 188 12.07 5.40 7.86
CA LYS B 188 12.83 5.39 6.61
C LYS B 188 14.31 5.13 6.87
N SER B 189 14.84 5.76 7.93
CA SER B 189 16.21 5.53 8.34
C SER B 189 16.48 4.06 8.64
N ALA B 190 15.59 3.45 9.42
CA ALA B 190 15.71 2.04 9.77
C ALA B 190 15.63 1.15 8.53
N ALA B 191 14.69 1.47 7.64
CA ALA B 191 14.49 0.71 6.41
C ALA B 191 15.75 0.70 5.55
N LEU B 192 16.38 1.87 5.43
CA LEU B 192 17.59 1.99 4.62
C LEU B 192 18.75 1.19 5.21
N ASP B 193 18.97 1.35 6.52
CA ASP B 193 20.03 0.65 7.21
C ASP B 193 19.91 -0.86 7.04
N CYS B 194 18.70 -1.37 7.29
CA CYS B 194 18.42 -2.80 7.16
C CYS B 194 18.64 -3.29 5.73
N ALA B 195 18.26 -2.48 4.75
CA ALA B 195 18.40 -2.84 3.35
C ALA B 195 19.87 -2.86 2.93
N LEU B 196 20.59 -1.80 3.27
CA LEU B 196 22.00 -1.66 2.89
C LEU B 196 22.88 -2.71 3.55
N LYS B 197 22.50 -3.15 4.75
CA LYS B 197 23.27 -4.14 5.48
C LYS B 197 22.75 -5.56 5.26
N ASP B 198 21.78 -5.69 4.36
CA ASP B 198 21.18 -6.98 4.03
C ASP B 198 20.68 -7.74 5.25
N TYR B 199 19.93 -7.03 6.10
CA TYR B 199 19.43 -7.61 7.35
C TYR B 199 18.24 -8.53 7.15
N ASP B 200 17.64 -8.48 5.96
CA ASP B 200 16.37 -9.16 5.66
C ASP B 200 15.30 -8.65 6.62
N VAL B 201 15.29 -7.34 6.83
CA VAL B 201 14.26 -6.69 7.62
C VAL B 201 13.72 -5.48 6.86
N ARG B 202 12.39 -5.42 6.72
CA ARG B 202 11.77 -4.27 6.07
C ARG B 202 11.07 -3.40 7.09
N VAL B 203 11.06 -2.09 6.84
CA VAL B 203 10.41 -1.14 7.72
C VAL B 203 9.52 -0.21 6.90
N ASN B 204 8.24 -0.19 7.24
CA ASN B 204 7.27 0.66 6.54
C ASN B 204 6.34 1.34 7.53
N THR B 205 5.68 2.40 7.07
CA THR B 205 4.70 3.09 7.91
C THR B 205 3.31 2.98 7.32
N VAL B 206 2.32 2.85 8.21
CA VAL B 206 0.92 2.85 7.81
C VAL B 206 0.31 4.16 8.28
N HIS B 207 -0.46 4.80 7.40
CA HIS B 207 -1.04 6.10 7.72
C HIS B 207 -2.55 6.05 7.57
N PRO B 208 -3.23 5.57 8.61
CA PRO B 208 -4.69 5.51 8.60
C PRO B 208 -5.30 6.91 8.58
N GLY B 209 -6.45 7.06 7.92
CA GLY B 209 -7.27 8.24 8.12
C GLY B 209 -8.05 8.01 9.40
N TYR B 210 -9.16 8.71 9.56
CA TYR B 210 -9.95 8.52 10.77
C TYR B 210 -10.65 7.17 10.75
N ILE B 211 -10.45 6.42 11.82
CA ILE B 211 -10.98 5.07 11.96
C ILE B 211 -11.84 4.97 13.22
N LYS B 212 -13.00 4.34 13.11
CA LYS B 212 -13.87 4.17 14.27
C LYS B 212 -13.22 3.28 15.32
N THR B 213 -12.68 3.91 16.36
CA THR B 213 -12.00 3.23 17.46
C THR B 213 -12.27 3.98 18.76
N PRO B 214 -11.97 3.35 19.92
CA PRO B 214 -12.07 4.08 21.19
C PRO B 214 -11.28 5.40 21.22
N LEU B 215 -10.17 5.47 20.50
CA LEU B 215 -9.39 6.70 20.40
C LEU B 215 -10.25 7.83 19.81
N VAL B 216 -10.93 7.55 18.71
CA VAL B 216 -11.75 8.55 18.03
C VAL B 216 -12.99 8.88 18.86
N ASP B 217 -13.54 7.87 19.55
CA ASP B 217 -14.65 8.09 20.45
C ASP B 217 -14.30 9.06 21.58
N ASP B 218 -13.03 9.03 22.00
CA ASP B 218 -12.57 9.92 23.06
C ASP B 218 -12.31 11.33 22.53
N LEU B 219 -12.13 11.45 21.23
CA LEU B 219 -12.03 12.77 20.59
C LEU B 219 -13.44 13.28 20.32
N GLU B 220 -13.89 14.21 21.16
CA GLU B 220 -15.26 14.71 21.13
C GLU B 220 -15.68 15.27 19.77
N GLY B 221 -16.69 14.66 19.17
CA GLY B 221 -17.26 15.14 17.92
C GLY B 221 -16.40 14.91 16.71
N ALA B 222 -15.33 14.13 16.87
CA ALA B 222 -14.39 13.88 15.78
C ALA B 222 -15.03 13.09 14.65
N GLU B 223 -15.87 12.12 15.01
CA GLU B 223 -16.47 11.24 14.00
C GLU B 223 -17.39 12.01 13.07
N GLU B 224 -18.25 12.86 13.63
CA GLU B 224 -19.20 13.62 12.82
C GLU B 224 -18.50 14.70 12.01
N MET B 225 -17.46 15.30 12.58
CA MET B 225 -16.73 16.37 11.89
C MET B 225 -15.83 15.83 10.78
N MET B 226 -15.18 14.71 11.04
CA MET B 226 -14.26 14.14 10.05
C MET B 226 -14.99 13.27 9.03
N SER B 227 -16.28 13.05 9.24
CA SER B 227 -17.11 12.38 8.25
C SER B 227 -17.60 13.36 7.19
N GLN B 228 -17.44 14.65 7.47
CA GLN B 228 -17.81 15.69 6.51
C GLN B 228 -16.93 15.59 5.27
N ARG B 229 -17.52 15.88 4.11
CA ARG B 229 -16.84 15.73 2.82
C ARG B 229 -15.57 16.57 2.73
N THR B 230 -15.56 17.70 3.43
CA THR B 230 -14.39 18.58 3.44
C THR B 230 -13.20 17.96 4.18
N LYS B 231 -13.48 16.93 4.96
CA LYS B 231 -12.42 16.20 5.66
C LYS B 231 -12.18 14.84 4.99
N THR B 232 -13.15 13.94 5.14
CA THR B 232 -13.08 12.65 4.44
C THR B 232 -14.08 12.65 3.28
N PRO B 233 -13.56 12.68 2.05
CA PRO B 233 -14.35 12.76 0.80
C PRO B 233 -15.39 11.64 0.66
N MET B 234 -15.12 10.48 1.22
CA MET B 234 -16.05 9.35 1.14
C MET B 234 -17.30 9.56 1.99
N GLY B 235 -17.26 10.56 2.88
CA GLY B 235 -18.41 10.91 3.68
C GLY B 235 -18.62 10.02 4.89
N HIS B 236 -17.58 9.28 5.26
CA HIS B 236 -17.61 8.44 6.46
C HIS B 236 -16.19 8.06 6.86
N ILE B 237 -16.01 7.64 8.10
CA ILE B 237 -14.69 7.20 8.55
C ILE B 237 -14.57 5.69 8.39
N GLY B 238 -13.36 5.17 8.56
CA GLY B 238 -13.10 3.77 8.31
C GLY B 238 -13.34 2.87 9.50
N GLU B 239 -13.04 1.59 9.32
CA GLU B 239 -13.13 0.60 10.39
C GLU B 239 -11.76 -0.03 10.61
N PRO B 240 -11.52 -0.60 11.80
CA PRO B 240 -10.20 -1.18 12.11
C PRO B 240 -9.72 -2.21 11.10
N ASN B 241 -10.62 -2.96 10.49
CA ASN B 241 -10.24 -3.94 9.47
C ASN B 241 -9.60 -3.30 8.25
N ASP B 242 -9.95 -2.06 7.95
CA ASP B 242 -9.36 -1.33 6.83
C ASP B 242 -7.85 -1.21 7.00
N ILE B 243 -7.39 -1.13 8.24
CA ILE B 243 -5.97 -1.01 8.54
C ILE B 243 -5.35 -2.37 8.73
N ALA B 244 -6.14 -3.32 9.24
CA ALA B 244 -5.69 -4.69 9.42
C ALA B 244 -5.18 -5.30 8.11
N TRP B 245 -5.93 -5.08 7.03
CA TRP B 245 -5.62 -5.73 5.76
C TRP B 245 -4.36 -5.17 5.09
N ILE B 246 -4.09 -3.89 5.24
CA ILE B 246 -2.87 -3.33 4.66
C ILE B 246 -1.67 -3.82 5.48
N CYS B 247 -1.88 -4.03 6.78
CA CYS B 247 -0.83 -4.57 7.63
C CYS B 247 -0.51 -6.02 7.28
N VAL B 248 -1.53 -6.77 6.88
CA VAL B 248 -1.33 -8.16 6.46
C VAL B 248 -0.42 -8.22 5.25
N TYR B 249 -0.68 -7.33 4.28
CA TYR B 249 0.16 -7.22 3.09
C TYR B 249 1.60 -6.91 3.45
N LEU B 250 1.80 -5.94 4.34
CA LEU B 250 3.14 -5.51 4.73
C LEU B 250 3.87 -6.57 5.55
N ALA B 251 3.12 -7.39 6.29
CA ALA B 251 3.72 -8.45 7.09
C ALA B 251 4.09 -9.66 6.23
N SER B 252 3.36 -9.85 5.13
CA SER B 252 3.56 -11.01 4.28
C SER B 252 4.72 -10.83 3.32
N ASP B 253 5.21 -11.94 2.77
CA ASP B 253 6.31 -11.91 1.80
C ASP B 253 5.87 -11.34 0.46
N GLU B 254 4.58 -11.09 0.30
CA GLU B 254 4.05 -10.41 -0.88
C GLU B 254 4.72 -9.04 -1.08
N SER B 255 5.08 -8.40 0.02
CA SER B 255 5.65 -7.06 -0.03
C SER B 255 7.16 -7.05 0.19
N LYS B 256 7.82 -8.13 -0.25
CA LYS B 256 9.25 -8.30 -0.03
C LYS B 256 10.11 -7.22 -0.70
N PHE B 257 9.54 -6.46 -1.62
CA PHE B 257 10.27 -5.38 -2.29
C PHE B 257 9.83 -4.02 -1.77
N ALA B 258 8.92 -4.00 -0.81
CA ALA B 258 8.42 -2.76 -0.24
C ALA B 258 9.10 -2.44 1.09
N THR B 259 9.88 -1.37 1.10
CA THR B 259 10.50 -0.89 2.33
C THR B 259 10.68 0.63 2.29
N GLY B 260 10.62 1.27 3.46
CA GLY B 260 10.81 2.70 3.56
C GLY B 260 9.66 3.52 3.02
N ALA B 261 8.53 2.85 2.75
CA ALA B 261 7.41 3.51 2.09
C ALA B 261 6.26 3.82 3.05
N GLU B 262 5.32 4.63 2.56
CA GLU B 262 4.20 5.11 3.35
C GLU B 262 2.90 4.64 2.72
N PHE B 263 2.06 3.98 3.52
CA PHE B 263 0.85 3.39 2.99
C PHE B 263 -0.38 4.03 3.61
N VAL B 264 -1.14 4.74 2.79
CA VAL B 264 -2.22 5.59 3.26
C VAL B 264 -3.60 5.01 2.97
N VAL B 265 -4.37 4.80 4.03
CA VAL B 265 -5.74 4.32 3.91
C VAL B 265 -6.66 5.29 4.66
N ASP B 266 -7.18 6.28 3.95
CA ASP B 266 -7.78 7.43 4.62
C ASP B 266 -9.08 7.95 4.01
N GLY B 267 -9.68 7.17 3.12
CA GLY B 267 -10.92 7.57 2.47
C GLY B 267 -10.79 8.83 1.63
N GLY B 268 -9.56 9.15 1.22
CA GLY B 268 -9.32 10.29 0.35
C GLY B 268 -8.95 11.58 1.08
N TYR B 269 -8.78 11.49 2.39
CA TYR B 269 -8.50 12.66 3.23
C TYR B 269 -7.33 13.51 2.72
N THR B 270 -6.21 12.85 2.44
CA THR B 270 -4.99 13.57 2.06
C THR B 270 -4.93 13.81 0.56
N ALA B 271 -5.92 13.34 -0.18
CA ALA B 271 -5.95 13.51 -1.63
C ALA B 271 -6.45 14.90 -2.03
N GLN B 272 -7.15 15.56 -1.11
CA GLN B 272 -7.62 16.92 -1.36
C GLN B 272 -6.93 17.91 -0.42
PA NAP C . 6.91 -3.69 -20.54
O1A NAP C . 7.78 -4.76 -19.99
O2A NAP C . 7.73 -3.16 -21.64
O5B NAP C . 5.55 -4.25 -21.08
C5B NAP C . 4.62 -3.31 -21.56
C4B NAP C . 3.35 -3.96 -21.94
O4B NAP C . 2.41 -2.94 -22.41
C3B NAP C . 3.59 -4.88 -23.05
O3B NAP C . 2.73 -6.00 -22.91
C2B NAP C . 3.21 -4.09 -24.28
O2B NAP C . 2.73 -4.95 -25.28
C1B NAP C . 2.13 -3.20 -23.81
N9A NAP C . 2.04 -1.97 -24.52
C8A NAP C . 3.09 -1.28 -24.87
N7A NAP C . 2.68 -0.17 -25.52
C5A NAP C . 1.22 -0.22 -25.55
C6A NAP C . 0.16 0.53 -26.04
N6A NAP C . 0.40 1.73 -26.71
N1A NAP C . -1.09 0.10 -25.84
C2A NAP C . -1.35 -1.03 -25.21
N3A NAP C . -0.43 -1.79 -24.73
C4A NAP C . 0.88 -1.46 -24.86
O3 NAP C . 6.63 -2.53 -19.44
PN NAP C . 6.66 -2.75 -17.85
O1N NAP C . 6.15 -4.09 -17.45
O2N NAP C . 8.05 -2.78 -17.33
O5D NAP C . 5.84 -1.58 -17.11
C5D NAP C . 4.41 -1.51 -17.22
C4D NAP C . 3.99 -0.22 -16.58
O4D NAP C . 4.63 -0.09 -15.23
C3D NAP C . 4.43 0.91 -17.38
O3D NAP C . 3.38 1.90 -17.41
C2D NAP C . 5.60 1.48 -16.70
O2D NAP C . 5.67 2.91 -16.98
C1D NAP C . 5.35 1.23 -15.29
N1N NAP C . 6.52 1.15 -14.56
C2N NAP C . 7.52 0.18 -14.88
C3N NAP C . 8.69 0.11 -14.10
C7N NAP C . 9.77 -0.90 -14.43
O7N NAP C . 10.85 -0.82 -13.90
N7N NAP C . 9.52 -1.97 -15.36
C4N NAP C . 8.88 0.99 -13.02
C5N NAP C . 7.88 1.95 -12.70
C6N NAP C . 6.71 2.02 -13.47
P2B NAP C . 2.79 -4.47 -26.77
O1X NAP C . 1.78 -3.45 -27.12
O2X NAP C . 4.10 -3.85 -27.14
O3X NAP C . 2.60 -5.54 -27.76
MG MG D . -0.64 15.74 -26.32
MG MG E . 15.66 10.61 -3.08
PA NAP F . -7.21 2.85 20.58
O1A NAP F . -8.56 2.53 20.07
O2A NAP F . -7.52 3.78 21.68
O5B NAP F . -6.47 1.57 21.12
C5B NAP F . -5.11 1.73 21.50
C4B NAP F . -4.59 0.46 22.01
O4B NAP F . -3.21 0.64 22.50
C3B NAP F . -5.38 0.03 23.17
O3B NAP F . -5.52 -1.39 23.13
C2B NAP F . -4.57 0.44 24.37
O2B NAP F . -4.80 -0.45 25.44
C1B NAP F . -3.18 0.36 23.91
N9A NAP F . -2.31 1.30 24.55
C8A NAP F . -2.64 2.54 24.77
N7A NAP F . -1.59 3.16 25.37
C5A NAP F . -0.53 2.17 25.49
C6A NAP F . 0.77 2.10 25.98
N6A NAP F . 1.38 3.22 26.54
N1A NAP F . 1.42 0.94 25.89
C2A NAP F . 0.89 -0.14 25.36
N3A NAP F . -0.31 -0.16 24.88
C4A NAP F . -1.08 0.96 24.91
O3 NAP F . -6.29 3.57 19.46
PN NAP F . -6.44 3.32 17.88
O1N NAP F . -6.91 1.95 17.57
O2N NAP F . -7.52 4.17 17.31
O5D NAP F . -5.07 3.65 17.14
C5D NAP F . -3.94 2.75 17.22
C4D NAP F . -2.83 3.40 16.47
O4D NAP F . -3.29 3.82 15.11
C3D NAP F . -2.38 4.60 17.18
O3D NAP F . -0.93 4.67 17.15
C2D NAP F . -2.94 5.74 16.44
O2D NAP F . -2.10 6.91 16.60
C1D NAP F . -2.98 5.29 15.05
N1N NAP F . -3.94 5.95 14.31
C2N NAP F . -5.32 5.88 14.66
C3N NAP F . -6.28 6.56 13.87
C7N NAP F . -7.75 6.50 14.22
O7N NAP F . -8.52 7.25 13.67
N7N NAP F . -8.23 5.58 15.20
C4N NAP F . -5.87 7.29 12.75
C5N NAP F . -4.48 7.36 12.40
C6N NAP F . -3.53 6.68 13.18
P2B NAP F . -4.66 0.09 26.91
O1X NAP F . -3.25 0.29 27.34
O2X NAP F . -5.30 1.41 27.14
O3X NAP F . -5.25 -0.78 27.94
MG MG G . 11.04 13.13 23.89
#